data_3D41
#
_entry.id   3D41
#
_cell.length_a   85.656
_cell.length_b   85.656
_cell.length_c   78.979
_cell.angle_alpha   90.00
_cell.angle_beta   90.00
_cell.angle_gamma   120.00
#
_symmetry.space_group_name_H-M   'P 32 2 1'
#
loop_
_entity.id
_entity.type
_entity.pdbx_description
1 polymer 'FomA protein'
2 non-polymer 'MAGNESIUM ION'
3 non-polymer 'PHOSPHOAMINOPHOSPHONIC ACID-ADENYLATE ESTER'
4 non-polymer FOSFOMYCIN
5 water water
#
_entity_poly.entity_id   1
_entity_poly.type   'polypeptide(L)'
_entity_poly.pdbx_seq_one_letter_code
;MGSSHHHHHHSSGLVPRGSHMTPDFLAIKVGGSLFSRKDEPGSLDDDAVTRFARNFARLAETYRGRMVLISGGGAFGHGA
IRDHDSTHAFSLAGLTEATFEVKKRWAEKLRGIGVDAFPLQLAAMCTLRNGIPQLRSEVLRDVLDHGALPVLAGDALFDE
HGKLWAFSSDRVPEVLLPMVEGRLRVVTLTDVDGIVTDGAGGDTILPEVDARSPEQAYAALWGSSEWDATGAMHTKLDAL
VTCARRGAECFIMRGDPGSDLEFLTAPFSSWPAHVRSTRITTTASA
;
_entity_poly.pdbx_strand_id   A
#
loop_
_chem_comp.id
_chem_comp.type
_chem_comp.name
_chem_comp.formula
ANP non-polymer 'PHOSPHOAMINOPHOSPHONIC ACID-ADENYLATE ESTER' 'C10 H17 N6 O12 P3'
FCN non-polymer FOSFOMYCIN 'C3 H7 O4 P'
MG non-polymer 'MAGNESIUM ION' 'Mg 2'
#
# COMPACT_ATOMS: atom_id res chain seq x y z
N SER A 12 -3.85 11.58 20.80
CA SER A 12 -4.14 12.19 22.15
C SER A 12 -5.56 12.78 22.37
N GLY A 13 -6.34 12.98 21.29
CA GLY A 13 -7.66 13.65 21.41
C GLY A 13 -8.79 13.22 20.49
N LEU A 14 -9.91 13.95 20.54
CA LEU A 14 -11.05 13.73 19.66
C LEU A 14 -10.78 14.23 18.23
N VAL A 15 -10.94 13.34 17.26
CA VAL A 15 -10.66 13.60 15.85
C VAL A 15 -11.96 13.54 15.07
N PRO A 16 -12.40 14.66 14.44
CA PRO A 16 -13.62 14.49 13.65
C PRO A 16 -13.33 13.68 12.37
N ARG A 17 -14.23 12.77 12.02
CA ARG A 17 -14.09 11.85 10.88
C ARG A 17 -15.39 11.80 10.15
N GLY A 18 -15.33 11.76 8.82
CA GLY A 18 -16.55 11.67 8.02
C GLY A 18 -16.36 11.88 6.53
N SER A 19 -17.41 11.59 5.76
CA SER A 19 -17.33 11.68 4.32
C SER A 19 -17.21 13.13 3.89
N HIS A 20 -17.45 14.04 4.83
CA HIS A 20 -17.33 15.47 4.58
C HIS A 20 -15.89 15.96 4.78
N MET A 21 -15.12 15.25 5.62
CA MET A 21 -13.77 15.66 6.01
C MET A 21 -12.66 15.31 5.02
N THR A 22 -11.59 16.09 5.11
CA THR A 22 -10.46 16.07 4.23
C THR A 22 -9.36 15.27 4.92
N PRO A 23 -8.79 14.28 4.22
CA PRO A 23 -7.81 13.45 4.92
C PRO A 23 -6.57 14.25 5.25
N ASP A 24 -5.90 13.91 6.36
CA ASP A 24 -4.65 14.57 6.77
C ASP A 24 -3.44 13.81 6.29
N PHE A 25 -3.61 12.56 5.91
CA PHE A 25 -2.46 11.76 5.51
C PHE A 25 -2.89 10.83 4.39
N LEU A 26 -2.08 10.74 3.33
CA LEU A 26 -2.30 9.81 2.20
C LEU A 26 -1.26 8.70 2.16
N ALA A 27 -1.71 7.45 2.30
CA ALA A 27 -0.92 6.26 2.02
C ALA A 27 -1.45 5.70 0.71
N ILE A 28 -0.67 5.82 -0.36
CA ILE A 28 -1.10 5.33 -1.68
C ILE A 28 -0.29 4.04 -1.96
N LYS A 29 -1.00 2.95 -2.24
CA LYS A 29 -0.33 1.70 -2.56
C LYS A 29 -0.69 1.32 -4.00
N VAL A 30 0.34 1.08 -4.81
CA VAL A 30 0.13 0.76 -6.20
C VAL A 30 0.52 -0.72 -6.44
N GLY A 31 -0.40 -1.49 -7.00
CA GLY A 31 -0.20 -2.93 -7.24
C GLY A 31 0.95 -3.20 -8.19
N GLY A 32 1.75 -4.21 -7.91
CA GLY A 32 2.83 -4.60 -8.82
C GLY A 32 2.34 -4.85 -10.24
N SER A 33 1.32 -5.69 -10.37
CA SER A 33 0.68 -6.05 -11.65
C SER A 33 0.36 -4.90 -12.63
N LEU A 34 0.18 -3.70 -12.07
CA LEU A 34 -0.09 -2.47 -12.82
C LEU A 34 1.15 -1.88 -13.48
N PHE A 35 2.34 -2.37 -13.13
CA PHE A 35 3.56 -1.86 -13.74
C PHE A 35 4.62 -2.93 -13.99
N SER A 36 4.35 -4.16 -13.60
CA SER A 36 5.33 -5.25 -13.69
C SER A 36 4.62 -6.57 -13.99
N ARG A 37 5.16 -7.35 -14.92
CA ARG A 37 4.57 -8.66 -15.21
C ARG A 37 5.19 -9.76 -14.33
N LYS A 38 4.43 -10.15 -13.30
CA LYS A 38 4.80 -11.17 -12.28
C LYS A 38 5.67 -12.34 -12.77
N ASP A 39 5.22 -12.98 -13.87
CA ASP A 39 5.86 -14.17 -14.44
C ASP A 39 6.93 -13.82 -15.49
N GLU A 40 7.44 -12.59 -15.45
CA GLU A 40 8.48 -12.13 -16.36
C GLU A 40 9.65 -11.49 -15.60
N PRO A 41 10.76 -12.23 -15.42
CA PRO A 41 11.77 -11.75 -14.48
C PRO A 41 12.31 -10.37 -14.84
N GLY A 42 12.33 -9.47 -13.86
CA GLY A 42 12.93 -8.15 -14.02
C GLY A 42 12.10 -7.08 -14.73
N SER A 43 10.84 -7.39 -15.06
CA SER A 43 10.05 -6.51 -15.94
C SER A 43 9.45 -5.33 -15.20
N LEU A 44 9.46 -4.19 -15.89
CA LEU A 44 8.97 -2.92 -15.39
C LEU A 44 8.47 -2.07 -16.56
N ASP A 45 7.20 -1.74 -16.55
CA ASP A 45 6.65 -0.85 -17.54
C ASP A 45 7.00 0.58 -17.17
N ASP A 46 8.02 1.10 -17.85
CA ASP A 46 8.61 2.42 -17.58
C ASP A 46 7.60 3.53 -17.88
N ASP A 47 6.94 3.40 -19.04
CA ASP A 47 5.85 4.29 -19.42
C ASP A 47 4.80 4.39 -18.30
N ALA A 48 4.43 3.25 -17.71
CA ALA A 48 3.44 3.27 -16.64
C ALA A 48 4.00 3.94 -15.39
N VAL A 49 5.25 3.61 -15.04
CA VAL A 49 5.89 4.22 -13.88
C VAL A 49 5.96 5.74 -14.07
N THR A 50 6.45 6.17 -15.23
CA THR A 50 6.57 7.60 -15.53
C THR A 50 5.27 8.35 -15.33
N ARG A 51 4.19 7.74 -15.80
CA ARG A 51 2.91 8.41 -15.85
C ARG A 51 2.23 8.37 -14.50
N PHE A 52 2.43 7.28 -13.76
CA PHE A 52 1.90 7.18 -12.40
C PHE A 52 2.66 8.16 -11.53
N ALA A 53 3.98 8.08 -11.60
CA ALA A 53 4.88 8.98 -10.88
C ALA A 53 4.46 10.43 -11.03
N ARG A 54 4.06 10.79 -12.23
CA ARG A 54 3.66 12.17 -12.52
C ARG A 54 2.37 12.57 -11.80
N ASN A 55 1.46 11.61 -11.64
CA ASN A 55 0.22 11.84 -10.92
C ASN A 55 0.46 11.80 -9.43
N PHE A 56 1.39 10.96 -8.98
CA PHE A 56 1.69 10.87 -7.56
C PHE A 56 2.37 12.15 -7.07
N ALA A 57 3.16 12.76 -7.95
CA ALA A 57 3.96 13.93 -7.63
C ALA A 57 3.13 15.16 -7.30
N ARG A 58 1.96 15.24 -7.94
CA ARG A 58 1.04 16.35 -7.74
C ARG A 58 0.38 16.17 -6.38
N LEU A 59 0.07 14.93 -6.05
CA LEU A 59 -0.39 14.60 -4.70
C LEU A 59 0.70 14.89 -3.67
N ALA A 60 1.94 14.54 -3.99
CA ALA A 60 3.07 14.67 -3.06
C ALA A 60 3.38 16.09 -2.68
N GLU A 61 3.05 17.03 -3.56
CA GLU A 61 3.30 18.44 -3.33
C GLU A 61 2.24 18.99 -2.39
N THR A 62 1.01 18.51 -2.56
CA THR A 62 -0.09 18.91 -1.72
C THR A 62 0.12 18.32 -0.33
N TYR A 63 0.47 17.04 -0.29
CA TYR A 63 0.65 16.31 0.97
C TYR A 63 2.12 16.17 1.32
N ARG A 64 2.83 17.28 1.43
CA ARG A 64 4.24 17.26 1.67
C ARG A 64 4.47 16.97 3.14
N GLY A 65 5.14 15.87 3.39
CA GLY A 65 5.33 15.38 4.74
C GLY A 65 4.07 14.76 5.31
N ARG A 66 3.11 14.46 4.46
CA ARG A 66 1.82 13.91 4.91
C ARG A 66 1.44 12.83 3.90
N MET A 67 2.42 12.19 3.30
CA MET A 67 2.16 11.15 2.31
C MET A 67 3.25 10.11 2.29
N VAL A 68 2.90 8.84 2.04
CA VAL A 68 3.87 7.81 1.66
C VAL A 68 3.38 7.12 0.37
N LEU A 69 4.32 6.77 -0.51
CA LEU A 69 3.98 5.94 -1.67
C LEU A 69 4.47 4.53 -1.35
N ILE A 70 3.56 3.54 -1.48
CA ILE A 70 3.88 2.14 -1.22
C ILE A 70 3.74 1.39 -2.52
N SER A 71 4.85 0.82 -2.98
CA SER A 71 4.94 0.00 -4.18
C SER A 71 4.74 -1.50 -3.97
N GLY A 72 3.94 -2.08 -4.87
CA GLY A 72 3.84 -3.50 -5.08
C GLY A 72 5.16 -4.07 -5.56
N GLY A 73 5.34 -5.37 -5.40
CA GLY A 73 6.65 -5.98 -5.63
C GLY A 73 6.83 -6.44 -7.06
N GLY A 74 5.72 -6.74 -7.73
CA GLY A 74 5.72 -7.15 -9.12
C GLY A 74 6.58 -8.37 -9.31
N ALA A 75 7.21 -8.47 -10.50
CA ALA A 75 8.13 -9.56 -10.83
C ALA A 75 9.20 -9.81 -9.77
N PHE A 76 9.80 -8.73 -9.26
CA PHE A 76 10.81 -8.77 -8.19
C PHE A 76 10.34 -9.49 -6.93
N GLY A 77 9.33 -8.92 -6.27
CA GLY A 77 8.83 -9.44 -5.01
C GLY A 77 8.17 -10.81 -5.06
N HIS A 78 7.23 -10.98 -5.99
CA HIS A 78 6.63 -12.29 -6.22
C HIS A 78 7.68 -13.30 -6.72
N GLY A 79 8.63 -12.82 -7.51
CA GLY A 79 9.75 -13.65 -7.95
C GLY A 79 10.64 -14.22 -6.83
N ALA A 80 11.07 -13.35 -5.92
CA ALA A 80 11.99 -13.70 -4.85
C ALA A 80 11.39 -14.59 -3.77
N ILE A 81 10.06 -14.59 -3.66
CA ILE A 81 9.32 -15.52 -2.80
C ILE A 81 9.16 -16.88 -3.50
N ARG A 82 8.82 -16.86 -4.78
CA ARG A 82 8.69 -18.06 -5.62
C ARG A 82 9.92 -18.94 -5.53
N ASP A 83 11.07 -18.31 -5.50
CA ASP A 83 12.31 -19.03 -5.73
C ASP A 83 12.98 -19.50 -4.46
N HIS A 84 12.72 -18.79 -3.36
CA HIS A 84 13.35 -19.15 -2.10
C HIS A 84 13.06 -20.58 -1.68
N ASP A 85 14.11 -21.24 -1.20
CA ASP A 85 13.99 -22.56 -0.60
C ASP A 85 13.22 -22.38 0.69
N SER A 86 12.19 -23.19 0.89
CA SER A 86 11.34 -23.09 2.07
C SER A 86 11.98 -23.67 3.34
N THR A 87 13.04 -24.47 3.18
CA THR A 87 13.65 -25.21 4.30
C THR A 87 14.67 -24.40 5.13
N HIS A 88 15.22 -23.34 4.53
CA HIS A 88 15.95 -22.30 5.25
C HIS A 88 15.10 -21.06 5.17
N ALA A 89 14.47 -20.66 6.28
CA ALA A 89 13.65 -19.44 6.32
C ALA A 89 14.42 -18.24 5.79
N PHE A 90 15.75 -18.29 5.97
CA PHE A 90 16.67 -17.16 5.67
C PHE A 90 16.92 -16.88 4.18
N SER A 91 16.55 -17.83 3.31
CA SER A 91 16.62 -17.60 1.87
C SER A 91 15.73 -16.43 1.43
N LEU A 92 14.60 -16.25 2.13
CA LEU A 92 13.74 -15.07 1.97
C LEU A 92 14.46 -13.71 2.01
N ALA A 93 15.73 -13.68 2.44
CA ALA A 93 16.41 -12.41 2.61
C ALA A 93 16.53 -11.72 1.26
N GLY A 94 16.59 -12.52 0.19
CA GLY A 94 16.51 -12.01 -1.19
C GLY A 94 15.37 -11.06 -1.44
N LEU A 95 14.22 -11.31 -0.80
CA LEU A 95 13.05 -10.45 -0.97
C LEU A 95 13.30 -9.00 -0.58
N THR A 96 14.18 -8.76 0.39
CA THR A 96 14.48 -7.39 0.80
C THR A 96 15.26 -6.63 -0.24
N GLU A 97 16.16 -7.34 -0.91
CA GLU A 97 16.98 -6.78 -1.96
C GLU A 97 16.12 -6.55 -3.19
N ALA A 98 15.18 -7.47 -3.40
CA ALA A 98 14.20 -7.43 -4.47
C ALA A 98 13.24 -6.26 -4.41
N THR A 99 12.61 -6.03 -3.24
CA THR A 99 11.68 -4.89 -3.10
C THR A 99 12.40 -3.56 -2.93
N PHE A 100 13.63 -3.56 -2.49
CA PHE A 100 14.38 -2.33 -2.58
C PHE A 100 14.57 -1.87 -4.04
N GLU A 101 14.85 -2.80 -4.95
CA GLU A 101 14.91 -2.50 -6.39
C GLU A 101 13.70 -1.70 -6.87
N VAL A 102 12.48 -2.13 -6.54
CA VAL A 102 11.29 -1.36 -6.92
C VAL A 102 11.16 0.01 -6.23
N LYS A 103 11.55 0.12 -4.97
CA LYS A 103 11.47 1.39 -4.31
C LYS A 103 12.35 2.37 -5.04
N LYS A 104 13.55 1.91 -5.39
CA LYS A 104 14.54 2.71 -6.12
C LYS A 104 13.95 3.27 -7.40
N ARG A 105 13.26 2.43 -8.16
CA ARG A 105 12.76 2.85 -9.45
C ARG A 105 11.79 3.99 -9.29
N TRP A 106 10.91 3.89 -8.29
CA TRP A 106 9.95 4.94 -8.04
C TRP A 106 10.65 6.21 -7.61
N ALA A 107 11.54 6.12 -6.64
CA ALA A 107 12.19 7.29 -6.07
C ALA A 107 13.01 7.97 -7.13
N GLU A 108 13.73 7.18 -7.88
CA GLU A 108 14.57 7.64 -8.94
C GLU A 108 13.74 8.42 -9.94
N LYS A 109 12.57 7.88 -10.29
CA LYS A 109 11.66 8.52 -11.22
C LYS A 109 11.03 9.77 -10.65
N LEU A 110 10.56 9.67 -9.42
CA LEU A 110 9.90 10.79 -8.78
C LEU A 110 10.86 11.96 -8.56
N ARG A 111 12.10 11.68 -8.18
CA ARG A 111 13.07 12.77 -8.04
C ARG A 111 13.33 13.48 -9.37
N GLY A 112 13.23 12.72 -10.45
CA GLY A 112 13.47 13.26 -11.79
C GLY A 112 12.50 14.35 -12.20
N ILE A 113 11.30 14.31 -11.65
CA ILE A 113 10.29 15.33 -11.89
C ILE A 113 10.05 16.18 -10.62
N GLY A 114 11.08 16.29 -9.78
CA GLY A 114 11.12 17.31 -8.74
C GLY A 114 10.59 16.98 -7.36
N VAL A 115 10.26 15.70 -7.13
CA VAL A 115 9.81 15.19 -5.83
C VAL A 115 10.99 14.71 -5.00
N ASP A 116 10.97 15.12 -3.74
CA ASP A 116 11.92 14.67 -2.74
C ASP A 116 11.58 13.26 -2.29
N ALA A 117 11.81 12.27 -3.15
CA ALA A 117 11.39 10.92 -2.86
C ALA A 117 12.56 10.14 -2.33
N PHE A 118 12.39 9.51 -1.17
CA PHE A 118 13.46 8.79 -0.49
C PHE A 118 12.99 7.38 -0.22
N PRO A 119 13.69 6.36 -0.76
CA PRO A 119 13.29 4.96 -0.53
C PRO A 119 13.70 4.48 0.88
N LEU A 120 12.81 3.81 1.62
CA LEU A 120 13.18 3.33 2.93
C LEU A 120 12.97 1.84 3.04
N GLN A 121 13.90 1.14 3.67
CA GLN A 121 13.86 -0.33 3.72
C GLN A 121 13.08 -0.68 4.97
N LEU A 122 11.90 -1.27 4.79
CA LEU A 122 10.98 -1.57 5.90
C LEU A 122 11.61 -2.55 6.85
N ALA A 123 12.35 -3.51 6.32
CA ALA A 123 13.02 -4.51 7.17
C ALA A 123 14.05 -3.89 8.15
N ALA A 124 14.50 -2.68 7.87
CA ALA A 124 15.47 -1.98 8.72
C ALA A 124 14.75 -1.13 9.76
N MET A 125 13.42 -1.09 9.66
CA MET A 125 12.59 -0.21 10.44
C MET A 125 11.52 -0.90 11.26
N CYS A 126 11.22 -2.16 10.99
N CYS A 126 11.22 -2.15 10.93
CA CYS A 126 10.00 -2.79 11.47
CA CYS A 126 10.03 -2.87 11.39
C CYS A 126 10.19 -4.29 11.62
C CYS A 126 10.36 -4.31 11.69
N THR A 127 9.76 -4.82 12.77
CA THR A 127 9.79 -6.27 13.02
C THR A 127 8.38 -6.82 13.29
N LEU A 128 8.23 -8.14 13.32
CA LEU A 128 6.96 -8.77 13.65
C LEU A 128 6.98 -9.25 15.10
N ARG A 129 5.94 -8.93 15.87
CA ARG A 129 5.91 -9.29 17.29
C ARG A 129 4.53 -9.82 17.59
N ASN A 130 4.44 -11.15 17.70
CA ASN A 130 3.13 -11.82 17.67
C ASN A 130 2.29 -11.46 16.42
N GLY A 131 2.95 -11.37 15.25
CA GLY A 131 2.18 -11.17 14.01
C GLY A 131 1.79 -9.73 13.67
N ILE A 132 1.70 -8.91 14.71
CA ILE A 132 1.57 -7.46 14.58
C ILE A 132 2.94 -6.84 14.20
N PRO A 133 3.03 -6.21 13.00
CA PRO A 133 4.20 -5.43 12.58
C PRO A 133 4.41 -4.25 13.53
N GLN A 134 5.67 -4.04 13.95
CA GLN A 134 6.06 -3.03 14.94
C GLN A 134 7.01 -2.06 14.30
N LEU A 135 6.67 -0.78 14.25
CA LEU A 135 7.64 0.21 13.80
C LEU A 135 8.64 0.39 14.92
N ARG A 136 9.92 0.35 14.57
CA ARG A 136 11.01 0.25 15.54
C ARG A 136 12.10 1.23 15.20
N SER A 137 11.83 2.06 14.20
CA SER A 137 12.72 3.14 13.78
C SER A 137 11.99 4.49 13.73
N GLU A 138 12.61 5.48 14.34
CA GLU A 138 12.12 6.84 14.33
C GLU A 138 12.33 7.55 12.98
N VAL A 139 13.03 6.90 12.05
CA VAL A 139 13.41 7.56 10.81
C VAL A 139 12.24 7.93 9.90
N LEU A 140 11.27 7.05 9.76
CA LEU A 140 10.03 7.32 8.99
C LEU A 140 9.36 8.63 9.41
N ARG A 141 9.11 8.79 10.72
CA ARG A 141 8.50 10.01 11.24
C ARG A 141 9.32 11.24 10.92
N ASP A 142 10.63 11.14 11.15
CA ASP A 142 11.60 12.17 10.76
C ASP A 142 11.65 12.54 9.27
N VAL A 143 11.79 11.58 8.37
CA VAL A 143 11.71 11.86 6.94
C VAL A 143 10.43 12.65 6.57
N LEU A 144 9.28 12.22 7.08
CA LEU A 144 8.02 12.91 6.84
C LEU A 144 8.07 14.31 7.43
N ASP A 145 8.60 14.42 8.64
CA ASP A 145 8.75 15.74 9.24
C ASP A 145 9.63 16.70 8.43
N HIS A 146 10.58 16.15 7.69
CA HIS A 146 11.46 16.92 6.81
C HIS A 146 10.78 17.33 5.50
N GLY A 147 9.59 16.80 5.23
CA GLY A 147 8.82 17.22 4.07
C GLY A 147 9.08 16.33 2.89
N ALA A 148 9.73 15.18 3.14
CA ALA A 148 10.16 14.29 2.09
C ALA A 148 9.06 13.24 1.82
N LEU A 149 9.20 12.53 0.72
CA LEU A 149 8.23 11.50 0.40
C LEU A 149 8.88 10.13 0.53
N PRO A 150 8.56 9.41 1.64
CA PRO A 150 9.03 8.04 1.81
C PRO A 150 8.43 7.19 0.75
N VAL A 151 9.28 6.40 0.09
CA VAL A 151 8.81 5.40 -0.88
C VAL A 151 9.02 4.07 -0.20
N LEU A 152 7.95 3.33 0.01
CA LEU A 152 8.03 2.14 0.83
C LEU A 152 7.57 0.96 -0.02
N ALA A 153 7.64 -0.24 0.54
CA ALA A 153 7.22 -1.50 -0.13
C ALA A 153 7.10 -2.65 0.89
N GLY A 154 6.57 -3.79 0.47
CA GLY A 154 6.59 -4.99 1.31
C GLY A 154 8.03 -5.42 1.45
N ASP A 155 8.29 -6.54 2.15
CA ASP A 155 9.67 -6.86 2.58
C ASP A 155 9.70 -8.20 3.28
N ALA A 156 10.90 -8.70 3.55
CA ALA A 156 11.08 -9.83 4.44
C ALA A 156 11.33 -9.26 5.83
N LEU A 157 10.45 -9.55 6.78
CA LEU A 157 10.54 -9.00 8.13
C LEU A 157 10.90 -10.08 9.14
N PHE A 158 11.73 -9.74 10.12
CA PHE A 158 12.10 -10.65 11.16
C PHE A 158 11.00 -10.71 12.18
N ASP A 159 10.70 -11.90 12.71
CA ASP A 159 9.84 -11.97 13.87
C ASP A 159 10.69 -12.04 15.14
N GLU A 160 10.05 -12.24 16.31
CA GLU A 160 10.75 -12.18 17.58
C GLU A 160 11.67 -13.37 17.80
N HIS A 161 11.53 -14.38 16.96
CA HIS A 161 12.35 -15.57 17.06
C HIS A 161 13.44 -15.58 16.00
N GLY A 162 13.53 -14.53 15.20
CA GLY A 162 14.54 -14.47 14.17
C GLY A 162 14.15 -15.08 12.83
N LYS A 163 12.92 -15.54 12.69
CA LYS A 163 12.49 -16.12 11.41
C LYS A 163 12.00 -15.02 10.49
N LEU A 164 12.34 -15.12 9.20
CA LEU A 164 11.84 -14.16 8.22
C LEU A 164 10.44 -14.50 7.70
N TRP A 165 9.60 -13.47 7.52
CA TRP A 165 8.29 -13.64 6.91
C TRP A 165 8.09 -12.64 5.80
N ALA A 166 7.43 -13.08 4.74
CA ALA A 166 7.13 -12.22 3.60
C ALA A 166 5.96 -11.30 4.01
N PHE A 167 6.16 -10.00 3.87
CA PHE A 167 5.21 -9.02 4.34
C PHE A 167 4.85 -8.11 3.15
N SER A 168 3.62 -8.27 2.65
CA SER A 168 3.12 -7.59 1.46
C SER A 168 3.05 -6.11 1.68
N SER A 169 3.29 -5.37 0.61
CA SER A 169 3.07 -3.93 0.53
C SER A 169 1.68 -3.53 0.99
N ASP A 170 0.68 -4.38 0.73
CA ASP A 170 -0.69 -4.18 1.22
C ASP A 170 -0.87 -3.90 2.72
N ARG A 171 -0.01 -4.50 3.53
CA ARG A 171 -0.01 -4.31 4.99
C ARG A 171 0.88 -3.16 5.47
N VAL A 172 1.67 -2.55 4.59
CA VAL A 172 2.52 -1.42 4.99
C VAL A 172 1.72 -0.31 5.72
N PRO A 173 0.52 0.05 5.23
CA PRO A 173 -0.29 1.07 5.92
C PRO A 173 -0.55 0.80 7.40
N GLU A 174 -0.64 -0.47 7.81
CA GLU A 174 -0.84 -0.84 9.21
C GLU A 174 0.28 -0.27 10.09
N VAL A 175 1.45 -0.17 9.50
CA VAL A 175 2.61 0.35 10.21
C VAL A 175 2.44 1.87 10.56
N LEU A 176 1.70 2.61 9.73
CA LEU A 176 1.44 4.02 9.91
C LEU A 176 0.44 4.31 11.05
N LEU A 177 -0.35 3.32 11.47
CA LEU A 177 -1.52 3.56 12.30
C LEU A 177 -1.18 4.24 13.61
N PRO A 178 -0.16 3.74 14.32
CA PRO A 178 0.15 4.36 15.59
C PRO A 178 0.94 5.67 15.44
N MET A 179 1.25 6.05 14.21
CA MET A 179 2.15 7.15 14.00
C MET A 179 1.44 8.42 13.55
N VAL A 180 0.41 8.25 12.75
CA VAL A 180 -0.28 9.31 12.05
C VAL A 180 -1.33 9.90 12.98
N GLU A 181 -1.18 11.19 13.26
CA GLU A 181 -2.21 11.92 13.98
C GLU A 181 -3.33 12.34 12.98
N GLY A 182 -4.57 12.37 13.42
CA GLY A 182 -5.63 12.83 12.54
C GLY A 182 -6.04 11.82 11.49
N ARG A 183 -6.66 12.29 10.41
CA ARG A 183 -7.33 11.42 9.45
C ARG A 183 -6.38 10.76 8.45
N LEU A 184 -6.30 9.42 8.52
CA LEU A 184 -5.52 8.68 7.54
C LEU A 184 -6.43 8.11 6.45
N ARG A 185 -6.06 8.38 5.21
CA ARG A 185 -6.69 7.77 4.05
C ARG A 185 -5.74 6.76 3.38
N VAL A 186 -6.19 5.51 3.23
CA VAL A 186 -5.44 4.50 2.49
C VAL A 186 -6.12 4.18 1.15
N VAL A 187 -5.41 4.39 0.04
CA VAL A 187 -5.90 4.07 -1.29
C VAL A 187 -4.99 3.00 -1.90
N THR A 188 -5.57 1.84 -2.19
CA THR A 188 -4.85 0.70 -2.76
C THR A 188 -5.26 0.62 -4.20
N LEU A 189 -4.34 0.98 -5.11
CA LEU A 189 -4.65 0.96 -6.54
C LEU A 189 -4.39 -0.43 -7.10
N THR A 190 -5.39 -1.00 -7.78
CA THR A 190 -5.37 -2.41 -8.10
C THR A 190 -5.90 -2.66 -9.51
N ASP A 191 -6.06 -3.92 -9.88
CA ASP A 191 -6.48 -4.26 -11.24
C ASP A 191 -7.96 -4.66 -11.31
N VAL A 192 -8.73 -4.25 -10.31
CA VAL A 192 -10.16 -4.37 -10.32
C VAL A 192 -10.72 -3.09 -9.76
N ASP A 193 -12.02 -2.90 -9.93
CA ASP A 193 -12.66 -1.66 -9.52
C ASP A 193 -13.00 -1.62 -8.05
N GLY A 194 -12.82 -2.73 -7.35
CA GLY A 194 -13.23 -2.88 -5.96
C GLY A 194 -13.51 -4.35 -5.76
N ILE A 195 -14.09 -4.71 -4.62
CA ILE A 195 -14.56 -6.10 -4.39
C ILE A 195 -15.81 -6.41 -5.19
N VAL A 196 -15.71 -7.34 -6.14
CA VAL A 196 -16.89 -7.76 -6.90
C VAL A 196 -17.66 -8.92 -6.27
N THR A 197 -18.97 -8.71 -6.08
CA THR A 197 -19.91 -9.69 -5.49
C THR A 197 -20.94 -10.20 -6.53
N ASP A 198 -21.70 -11.22 -6.12
CA ASP A 198 -22.85 -11.73 -6.89
C ASP A 198 -22.39 -12.41 -8.15
N ASP A 203 -20.92 -10.09 -10.66
CA ASP A 203 -20.99 -9.02 -11.66
C ASP A 203 -21.14 -7.56 -11.15
N THR A 204 -20.94 -7.32 -9.84
CA THR A 204 -21.28 -6.02 -9.24
C THR A 204 -20.38 -5.59 -8.06
N ILE A 205 -19.83 -4.39 -8.10
CA ILE A 205 -18.85 -3.99 -7.06
C ILE A 205 -19.50 -3.42 -5.78
N LEU A 206 -19.08 -3.94 -4.62
CA LEU A 206 -19.54 -3.50 -3.29
C LEU A 206 -19.05 -2.10 -2.96
N PRO A 207 -19.96 -1.12 -2.81
CA PRO A 207 -19.48 0.23 -2.64
C PRO A 207 -18.91 0.53 -1.24
N GLU A 208 -19.48 -0.07 -0.20
CA GLU A 208 -19.11 0.27 1.19
C GLU A 208 -19.02 -0.99 2.05
N VAL A 209 -17.98 -1.05 2.89
CA VAL A 209 -17.77 -2.15 3.81
C VAL A 209 -17.56 -1.58 5.20
N ASP A 210 -18.31 -2.08 6.18
CA ASP A 210 -18.11 -1.73 7.60
C ASP A 210 -17.07 -2.66 8.15
N ALA A 211 -15.94 -2.06 8.51
CA ALA A 211 -14.81 -2.81 9.03
C ALA A 211 -15.10 -3.55 10.35
N ARG A 212 -16.19 -3.21 11.04
CA ARG A 212 -16.58 -3.91 12.27
C ARG A 212 -17.31 -5.21 12.02
N SER A 213 -17.83 -5.36 10.80
CA SER A 213 -18.46 -6.60 10.36
C SER A 213 -18.30 -6.74 8.83
N PRO A 214 -17.08 -7.09 8.35
CA PRO A 214 -16.83 -7.22 6.91
C PRO A 214 -17.28 -8.53 6.28
N GLU A 215 -18.28 -9.19 6.85
CA GLU A 215 -18.62 -10.57 6.45
C GLU A 215 -18.85 -10.74 4.96
N GLN A 216 -19.72 -9.92 4.39
CA GLN A 216 -20.09 -10.02 2.98
C GLN A 216 -18.92 -9.75 2.04
N ALA A 217 -18.03 -8.86 2.43
CA ALA A 217 -16.82 -8.57 1.69
C ALA A 217 -15.90 -9.79 1.65
N TYR A 218 -15.64 -10.40 2.80
CA TYR A 218 -14.84 -11.63 2.85
C TYR A 218 -15.54 -12.79 2.11
N ALA A 219 -16.86 -12.90 2.23
CA ALA A 219 -17.62 -13.91 1.51
C ALA A 219 -17.46 -13.89 0.00
N ALA A 220 -17.12 -12.73 -0.57
CA ALA A 220 -17.11 -12.57 -2.02
C ALA A 220 -15.82 -12.97 -2.73
N LEU A 221 -14.72 -13.10 -1.99
CA LEU A 221 -13.42 -13.35 -2.61
C LEU A 221 -13.30 -14.73 -3.22
N TRP A 222 -12.64 -14.81 -4.38
CA TRP A 222 -12.37 -16.09 -5.01
C TRP A 222 -10.87 -16.41 -4.94
N GLY A 223 -10.54 -17.65 -5.22
CA GLY A 223 -9.15 -18.04 -5.25
C GLY A 223 -8.55 -17.68 -6.59
N SER A 224 -7.35 -17.08 -6.55
CA SER A 224 -6.49 -16.92 -7.73
C SER A 224 -6.37 -18.21 -8.59
N SER A 225 -5.87 -18.06 -9.83
CA SER A 225 -5.08 -19.14 -10.41
C SER A 225 -3.76 -19.08 -9.60
N GLU A 226 -3.34 -20.25 -9.12
CA GLU A 226 -2.41 -20.43 -7.98
C GLU A 226 -1.20 -19.46 -7.90
N TRP A 227 -1.19 -18.44 -8.74
CA TRP A 227 0.03 -17.70 -9.04
C TRP A 227 0.44 -16.57 -8.07
N ASP A 228 -0.15 -16.52 -6.87
CA ASP A 228 0.00 -15.31 -6.03
C ASP A 228 0.58 -15.53 -4.62
N ALA A 229 1.83 -15.15 -4.44
CA ALA A 229 2.56 -15.42 -3.21
C ALA A 229 2.08 -14.63 -1.96
N THR A 230 1.41 -13.49 -2.16
CA THR A 230 0.98 -12.65 -1.03
C THR A 230 -0.52 -12.51 -0.84
N GLY A 231 -1.32 -13.44 -1.36
CA GLY A 231 -2.71 -13.56 -0.94
C GLY A 231 -3.72 -12.68 -1.63
N ALA A 232 -3.33 -12.07 -2.74
CA ALA A 232 -4.27 -11.31 -3.60
C ALA A 232 -5.25 -10.42 -2.81
N MET A 233 -6.53 -10.60 -3.03
CA MET A 233 -7.54 -9.74 -2.44
C MET A 233 -7.74 -9.97 -0.95
N HIS A 234 -7.48 -11.19 -0.47
CA HIS A 234 -7.66 -11.50 0.93
C HIS A 234 -6.73 -10.70 1.85
N THR A 235 -5.46 -10.59 1.47
CA THR A 235 -4.51 -9.80 2.26
C THR A 235 -4.81 -8.32 2.15
N LYS A 236 -5.28 -7.92 0.96
CA LYS A 236 -5.72 -6.57 0.69
C LYS A 236 -6.83 -6.15 1.64
N LEU A 237 -7.86 -6.97 1.77
CA LEU A 237 -8.97 -6.70 2.66
C LEU A 237 -8.56 -6.77 4.16
N ASP A 238 -7.82 -7.81 4.55
CA ASP A 238 -7.24 -7.89 5.89
C ASP A 238 -6.56 -6.57 6.27
N ALA A 239 -5.68 -6.07 5.42
CA ALA A 239 -4.89 -4.86 5.75
C ALA A 239 -5.79 -3.64 5.95
N LEU A 240 -6.72 -3.46 5.01
CA LEU A 240 -7.60 -2.31 5.00
C LEU A 240 -8.67 -2.40 6.08
N VAL A 241 -9.19 -3.59 6.31
CA VAL A 241 -10.03 -3.79 7.46
C VAL A 241 -9.31 -3.44 8.77
N THR A 242 -8.03 -3.80 8.88
CA THR A 242 -7.22 -3.52 10.08
C THR A 242 -7.04 -2.00 10.29
N CYS A 243 -6.65 -1.31 9.21
CA CYS A 243 -6.50 0.13 9.23
C CYS A 243 -7.78 0.85 9.56
N ALA A 244 -8.89 0.42 8.98
CA ALA A 244 -10.20 1.05 9.15
C ALA A 244 -10.78 0.92 10.56
N ARG A 245 -10.58 -0.24 11.18
CA ARG A 245 -10.89 -0.45 12.59
C ARG A 245 -10.08 0.50 13.47
N ARG A 246 -8.96 0.97 12.97
CA ARG A 246 -8.15 1.94 13.72
C ARG A 246 -8.34 3.40 13.28
N GLY A 247 -9.45 3.65 12.58
CA GLY A 247 -9.80 4.98 12.13
C GLY A 247 -9.62 5.38 10.68
N ALA A 248 -8.77 4.68 9.92
CA ALA A 248 -8.47 5.09 8.53
C ALA A 248 -9.68 5.01 7.58
N GLU A 249 -9.66 5.84 6.54
CA GLU A 249 -10.60 5.73 5.47
C GLU A 249 -9.86 5.01 4.36
N CYS A 250 -10.41 3.89 3.90
CA CYS A 250 -9.65 2.96 3.07
C CYS A 250 -10.38 2.65 1.80
N PHE A 251 -9.62 2.54 0.70
CA PHE A 251 -10.22 2.34 -0.62
C PHE A 251 -9.50 1.27 -1.43
N ILE A 252 -10.26 0.40 -2.07
CA ILE A 252 -9.78 -0.47 -3.15
C ILE A 252 -10.34 0.03 -4.49
N MET A 253 -9.46 0.40 -5.43
CA MET A 253 -9.89 0.91 -6.72
C MET A 253 -8.87 0.63 -7.83
N ARG A 254 -9.29 0.78 -9.08
CA ARG A 254 -8.43 0.40 -10.21
C ARG A 254 -7.37 1.46 -10.42
N GLY A 255 -6.12 1.06 -10.40
CA GLY A 255 -5.07 1.96 -10.82
C GLY A 255 -4.99 1.96 -12.33
N ASP A 256 -4.86 3.15 -12.89
CA ASP A 256 -4.60 3.33 -14.31
C ASP A 256 -3.53 4.41 -14.41
N PRO A 257 -2.42 4.14 -15.14
CA PRO A 257 -1.27 5.05 -15.13
C PRO A 257 -1.57 6.47 -15.61
N GLY A 258 -2.62 6.65 -16.41
CA GLY A 258 -2.95 7.97 -16.88
C GLY A 258 -4.02 8.68 -16.10
N SER A 259 -4.60 7.98 -15.13
CA SER A 259 -5.72 8.51 -14.35
C SER A 259 -5.31 9.67 -13.47
N ASP A 260 -6.04 10.77 -13.56
CA ASP A 260 -5.78 11.91 -12.69
C ASP A 260 -6.27 11.56 -11.30
N LEU A 261 -5.43 11.78 -10.28
CA LEU A 261 -5.79 11.38 -8.90
C LEU A 261 -5.94 12.56 -7.91
N GLU A 262 -6.12 13.77 -8.44
CA GLU A 262 -6.27 14.95 -7.61
C GLU A 262 -7.43 14.84 -6.63
N PHE A 263 -8.49 14.13 -7.01
CA PHE A 263 -9.63 13.94 -6.12
C PHE A 263 -9.29 13.15 -4.82
N LEU A 264 -8.15 12.47 -4.78
CA LEU A 264 -7.79 11.72 -3.56
C LEU A 264 -7.40 12.64 -2.38
N THR A 265 -7.38 13.95 -2.61
CA THR A 265 -7.10 14.93 -1.58
C THR A 265 -8.42 15.49 -1.07
N ALA A 266 -9.51 15.06 -1.68
CA ALA A 266 -10.79 15.69 -1.46
C ALA A 266 -11.68 14.88 -0.56
N PRO A 267 -12.61 15.56 0.15
CA PRO A 267 -13.61 14.78 0.88
C PRO A 267 -14.31 13.79 -0.04
N PHE A 268 -14.57 12.58 0.49
CA PHE A 268 -15.21 11.52 -0.30
C PHE A 268 -16.57 11.98 -0.85
N SER A 269 -17.26 12.86 -0.10
CA SER A 269 -18.54 13.46 -0.53
C SER A 269 -18.41 14.19 -1.87
N SER A 270 -17.26 14.82 -2.08
CA SER A 270 -17.06 15.65 -3.26
C SER A 270 -16.07 15.02 -4.27
N TRP A 271 -16.24 13.71 -4.49
CA TRP A 271 -15.50 12.93 -5.49
C TRP A 271 -16.27 12.92 -6.81
N PRO A 272 -15.57 13.03 -7.94
CA PRO A 272 -16.21 13.13 -9.23
C PRO A 272 -17.11 11.94 -9.56
N ALA A 273 -17.85 12.07 -10.66
CA ALA A 273 -18.89 11.11 -11.02
C ALA A 273 -18.27 9.79 -11.50
N HIS A 274 -18.99 8.71 -11.31
CA HIS A 274 -18.61 7.42 -11.91
C HIS A 274 -17.20 6.93 -11.53
N VAL A 275 -16.69 7.28 -10.36
CA VAL A 275 -15.48 6.62 -9.84
C VAL A 275 -15.91 5.35 -9.13
N ARG A 276 -15.46 4.22 -9.65
CA ARG A 276 -15.72 2.94 -9.00
C ARG A 276 -14.63 2.61 -7.96
N SER A 277 -15.10 2.36 -6.73
CA SER A 277 -14.28 1.93 -5.59
C SER A 277 -15.06 1.16 -4.54
N THR A 278 -14.34 0.39 -3.72
CA THR A 278 -14.88 -0.16 -2.46
C THR A 278 -14.26 0.60 -1.28
N ARG A 279 -15.11 1.18 -0.44
CA ARG A 279 -14.68 2.00 0.70
C ARG A 279 -14.91 1.21 1.95
N ILE A 280 -13.94 1.26 2.85
CA ILE A 280 -13.92 0.45 4.05
C ILE A 280 -13.70 1.41 5.22
N THR A 281 -14.69 1.47 6.11
CA THR A 281 -14.69 2.39 7.23
C THR A 281 -15.24 1.71 8.46
N THR A 282 -14.94 2.30 9.60
CA THR A 282 -15.52 1.89 10.86
C THR A 282 -16.56 2.94 11.17
N THR A 283 -17.78 2.72 10.66
CA THR A 283 -18.87 3.72 10.77
C THR A 283 -18.78 4.50 12.11
MG MG B . -1.36 -8.35 -4.47
PG ANP C . -0.20 -7.93 -7.66
O1G ANP C . 1.04 -7.71 -8.44
O2G ANP C . -0.07 -7.99 -6.18
O3G ANP C . -0.98 -9.12 -8.16
PB ANP C . -2.52 -6.22 -6.77
O1B ANP C . -1.97 -6.50 -5.40
O2B ANP C . -3.02 -4.83 -6.91
N3B ANP C . -1.25 -6.56 -7.87
PA ANP C . -4.02 -8.71 -6.59
O1A ANP C . -3.94 -9.65 -7.78
O2A ANP C . -3.10 -9.11 -5.49
O3A ANP C . -3.80 -7.16 -7.03
O5' ANP C . -5.45 -8.58 -5.90
C5' ANP C . -6.59 -8.32 -6.72
C4' ANP C . -7.12 -9.63 -7.33
O4' ANP C . -8.01 -10.21 -6.40
C3' ANP C . -8.00 -9.48 -8.57
O3' ANP C . -7.23 -9.39 -9.79
C2' ANP C . -8.88 -10.73 -8.51
O2' ANP C . -8.30 -11.84 -9.17
C1' ANP C . -8.78 -11.18 -7.07
N9 ANP C . -10.09 -11.21 -6.45
C8 ANP C . -10.50 -12.22 -5.67
N7 ANP C . -11.75 -11.96 -5.21
C5 ANP C . -12.13 -10.78 -5.70
C6 ANP C . -13.34 -9.96 -5.59
N6 ANP C . -14.40 -10.40 -4.87
N1 ANP C . -13.33 -8.78 -6.24
C2 ANP C . -12.28 -8.38 -6.99
N3 ANP C . -11.15 -9.08 -7.14
C4 ANP C . -11.02 -10.26 -6.52
C1 FCN D . 4.69 -8.90 -3.11
C2 FCN D . 5.96 -9.25 -2.31
C3 FCN D . 6.16 -8.57 -0.95
O FCN D . 5.98 -8.33 -3.41
P FCN D . 3.59 -7.49 -2.82
O1P FCN D . 4.13 -6.51 -1.82
O2P FCN D . 3.51 -6.88 -4.19
O3P FCN D . 2.34 -8.13 -2.31
#